data_8S8U
#
_entry.id   8S8U
#
_cell.length_a   60.526
_cell.length_b   53.341
_cell.length_c   64.76
_cell.angle_alpha   90
_cell.angle_beta   102.74
_cell.angle_gamma   90
#
_symmetry.space_group_name_H-M   'P 1 21 1'
#
loop_
_entity.id
_entity.type
_entity.pdbx_description
1 polymer 'Elongation factor P-like protein'
2 water water
#
_entity_poly.entity_id   1
_entity_poly.type   'polypeptide(L)'
_entity_poly.pdbx_seq_one_letter_code
;SPRANEIKKGMVLNYNGKLLLVKDIDIQSPTARGAATLYKMRFSDVRTGLKVEERFKGDDIVDTVTLTRRYVDFSYVDGN
EYVFMDKEDYTPYTFTKDQIEEELLFMPEGGMPDMQVLTWDGQLLALELPQTVDLEIVETAPGIKGASASARNKPATLST
GLVIQVPEYLSPGEKIRIHIEERRYMGRAD
;
_entity_poly.pdbx_strand_id   A,B
#
# COMPACT_ATOMS: atom_id res chain seq x y z
N SER A 1 12.86 7.09 -27.80
CA SER A 1 11.44 7.31 -27.51
C SER A 1 10.81 6.03 -26.96
N PRO A 2 11.03 5.75 -25.67
CA PRO A 2 10.47 4.52 -25.09
C PRO A 2 8.96 4.56 -24.95
N ARG A 3 8.33 3.39 -24.96
CA ARG A 3 6.90 3.28 -24.79
C ARG A 3 6.59 2.62 -23.41
N ALA A 4 5.36 2.73 -22.94
CA ALA A 4 4.97 2.19 -21.64
C ALA A 4 5.05 0.68 -21.52
N ASN A 5 4.80 -0.06 -22.62
CA ASN A 5 4.86 -1.52 -22.58
C ASN A 5 6.29 -2.06 -22.40
N GLU A 6 7.32 -1.24 -22.69
CA GLU A 6 8.72 -1.64 -22.52
C GLU A 6 9.30 -1.29 -21.12
N ILE A 7 8.56 -0.50 -20.31
CA ILE A 7 9.03 -0.08 -18.98
C ILE A 7 9.05 -1.26 -18.04
N LYS A 8 10.08 -1.32 -17.20
CA LYS A 8 10.29 -2.39 -16.22
C LYS A 8 10.60 -1.78 -14.87
N LYS A 9 10.39 -2.58 -13.80
CA LYS A 9 10.70 -2.24 -12.42
C LYS A 9 12.19 -1.89 -12.33
N GLY A 10 12.51 -0.77 -11.67
CA GLY A 10 13.89 -0.34 -11.57
C GLY A 10 14.25 0.84 -12.45
N MET A 11 13.49 1.07 -13.54
CA MET A 11 13.71 2.24 -14.40
C MET A 11 13.21 3.54 -13.69
N VAL A 12 13.65 4.70 -14.15
CA VAL A 12 13.23 5.97 -13.60
C VAL A 12 12.65 6.81 -14.75
N LEU A 13 11.41 7.26 -14.60
CA LEU A 13 10.74 8.07 -15.62
C LEU A 13 10.77 9.55 -15.26
N ASN A 14 10.82 10.40 -16.28
CA ASN A 14 10.69 11.84 -16.14
C ASN A 14 9.27 12.04 -16.60
N TYR A 15 8.34 12.16 -15.65
CA TYR A 15 6.93 12.25 -15.97
C TYR A 15 6.27 13.36 -15.16
N ASN A 16 5.66 14.32 -15.87
CA ASN A 16 4.94 15.47 -15.31
C ASN A 16 5.71 16.22 -14.22
N GLY A 17 6.95 16.58 -14.50
CA GLY A 17 7.79 17.32 -13.56
C GLY A 17 8.35 16.51 -12.40
N LYS A 18 8.19 15.18 -12.45
CA LYS A 18 8.71 14.32 -11.38
C LYS A 18 9.61 13.23 -11.92
N LEU A 19 10.58 12.82 -11.10
CA LEU A 19 11.42 11.70 -11.41
C LEU A 19 10.83 10.59 -10.57
N LEU A 20 10.32 9.58 -11.25
CA LEU A 20 9.62 8.49 -10.62
C LEU A 20 10.32 7.16 -10.81
N LEU A 21 10.66 6.48 -9.72
CA LEU A 21 11.25 5.17 -9.78
C LEU A 21 10.13 4.12 -9.90
N VAL A 22 10.19 3.29 -10.95
CA VAL A 22 9.21 2.21 -11.13
C VAL A 22 9.39 1.13 -10.05
N LYS A 23 8.39 0.93 -9.17
CA LYS A 23 8.40 -0.09 -8.12
C LYS A 23 7.61 -1.33 -8.56
N ASP A 24 6.52 -1.15 -9.33
CA ASP A 24 5.70 -2.29 -9.75
C ASP A 24 4.91 -1.99 -11.03
N ILE A 25 4.67 -3.02 -11.85
CA ILE A 25 3.89 -2.93 -13.07
C ILE A 25 2.86 -4.04 -13.11
N ASP A 26 1.58 -3.67 -13.24
CA ASP A 26 0.48 -4.60 -13.32
C ASP A 26 -0.16 -4.50 -14.72
N ILE A 27 0.04 -5.53 -15.53
CA ILE A 27 -0.52 -5.61 -16.88
C ILE A 27 -1.98 -6.02 -16.69
N GLN A 28 -2.91 -5.07 -16.81
CA GLN A 28 -4.32 -5.38 -16.61
C GLN A 28 -4.99 -5.71 -17.93
N SER A 29 -5.60 -6.90 -17.99
CA SER A 29 -6.31 -7.37 -19.20
C SER A 29 -7.57 -6.52 -19.42
N PRO A 30 -8.10 -6.47 -20.65
CA PRO A 30 -9.28 -5.62 -20.93
C PRO A 30 -10.44 -5.73 -19.93
N THR A 31 -10.91 -4.57 -19.43
CA THR A 31 -12.00 -4.50 -18.47
C THR A 31 -13.37 -4.85 -19.07
N ALA A 32 -13.52 -4.65 -20.38
CA ALA A 32 -14.76 -4.91 -21.12
C ALA A 32 -14.45 -5.27 -22.58
N ARG A 33 -15.43 -5.82 -23.32
CA ARG A 33 -15.29 -6.17 -24.73
C ARG A 33 -14.90 -4.91 -25.55
N GLY A 34 -13.83 -5.03 -26.32
CA GLY A 34 -13.34 -3.91 -27.13
C GLY A 34 -12.29 -3.04 -26.47
N ALA A 35 -12.12 -3.16 -25.14
CA ALA A 35 -11.13 -2.35 -24.43
C ALA A 35 -9.70 -2.89 -24.64
N ALA A 36 -8.70 -2.03 -24.39
CA ALA A 36 -7.29 -2.36 -24.54
C ALA A 36 -6.69 -2.81 -23.20
N THR A 37 -5.54 -3.50 -23.26
CA THR A 37 -4.80 -3.85 -22.07
C THR A 37 -4.17 -2.55 -21.53
N LEU A 38 -4.19 -2.35 -20.21
CA LEU A 38 -3.59 -1.16 -19.61
C LEU A 38 -2.42 -1.51 -18.67
N TYR A 39 -1.49 -0.58 -18.50
CA TYR A 39 -0.27 -0.76 -17.70
C TYR A 39 -0.34 0.11 -16.46
N LYS A 40 -0.76 -0.46 -15.33
CA LYS A 40 -0.88 0.25 -14.06
C LYS A 40 0.46 0.18 -13.32
N MET A 41 1.13 1.33 -13.25
CA MET A 41 2.44 1.41 -12.62
C MET A 41 2.43 2.08 -11.27
N ARG A 42 3.22 1.53 -10.36
CA ARG A 42 3.37 2.08 -9.04
C ARG A 42 4.80 2.62 -8.98
N PHE A 43 4.91 3.86 -8.62
CA PHE A 43 6.16 4.59 -8.55
C PHE A 43 6.46 5.13 -7.16
N SER A 44 7.69 5.58 -6.99
CA SER A 44 8.12 6.28 -5.82
C SER A 44 8.77 7.55 -6.33
N ASP A 45 8.32 8.72 -5.86
CA ASP A 45 8.93 9.99 -6.25
C ASP A 45 10.30 10.03 -5.58
N VAL A 46 11.39 10.07 -6.36
CA VAL A 46 12.73 9.99 -5.80
C VAL A 46 13.07 11.17 -4.90
N ARG A 47 12.43 12.34 -5.09
CA ARG A 47 12.72 13.50 -4.24
C ARG A 47 12.04 13.48 -2.87
N THR A 48 10.79 13.05 -2.83
CA THR A 48 10.00 13.09 -1.62
C THR A 48 9.76 11.73 -0.93
N GLY A 49 9.90 10.64 -1.66
CA GLY A 49 9.59 9.31 -1.17
C GLY A 49 8.09 8.98 -1.27
N LEU A 50 7.26 9.90 -1.77
CA LEU A 50 5.81 9.69 -1.87
C LEU A 50 5.47 8.74 -2.99
N LYS A 51 4.46 7.90 -2.80
CA LYS A 51 4.05 6.97 -3.83
C LYS A 51 3.14 7.64 -4.84
N VAL A 52 3.29 7.26 -6.11
CA VAL A 52 2.52 7.76 -7.24
C VAL A 52 2.03 6.54 -8.04
N GLU A 53 0.80 6.57 -8.54
CA GLU A 53 0.28 5.51 -9.40
C GLU A 53 -0.19 6.13 -10.69
N GLU A 54 0.10 5.51 -11.83
CA GLU A 54 -0.36 5.99 -13.12
C GLU A 54 -0.73 4.79 -13.98
N ARG A 55 -1.65 4.97 -14.91
CA ARG A 55 -2.06 3.90 -15.81
C ARG A 55 -1.82 4.37 -17.24
N PHE A 56 -1.24 3.51 -18.05
CA PHE A 56 -0.88 3.87 -19.42
C PHE A 56 -1.40 2.86 -20.43
N LYS A 57 -1.65 3.32 -21.65
CA LYS A 57 -1.92 2.43 -22.78
C LYS A 57 -0.52 1.90 -23.20
N GLY A 58 -0.49 0.72 -23.80
CA GLY A 58 0.76 0.10 -24.24
C GLY A 58 1.69 0.97 -25.08
N ASP A 59 1.14 1.73 -26.04
CA ASP A 59 1.95 2.55 -26.93
C ASP A 59 2.19 3.99 -26.47
N ASP A 60 1.80 4.34 -25.22
CA ASP A 60 2.02 5.69 -24.74
C ASP A 60 3.50 5.99 -24.63
N ILE A 61 3.92 7.16 -25.12
CA ILE A 61 5.32 7.54 -25.09
C ILE A 61 5.72 8.06 -23.72
N VAL A 62 6.82 7.53 -23.19
CA VAL A 62 7.34 7.98 -21.91
C VAL A 62 8.83 8.39 -22.08
N ASP A 63 9.40 9.02 -21.05
CA ASP A 63 10.79 9.44 -21.09
C ASP A 63 11.52 8.81 -19.91
N THR A 64 12.41 7.85 -20.17
CA THR A 64 13.22 7.24 -19.13
C THR A 64 14.55 7.98 -19.04
N VAL A 65 15.08 8.18 -17.83
CA VAL A 65 16.38 8.84 -17.66
C VAL A 65 17.49 7.78 -17.70
N THR A 66 18.72 8.17 -18.11
CA THR A 66 19.81 7.22 -18.19
C THR A 66 20.34 7.02 -16.78
N LEU A 67 20.41 5.77 -16.31
CA LEU A 67 20.86 5.51 -14.94
C LEU A 67 22.31 5.09 -14.85
N THR A 68 22.93 5.47 -13.73
CA THR A 68 24.31 5.12 -13.42
C THR A 68 24.29 4.54 -12.02
N ARG A 69 24.82 3.34 -11.83
CA ARG A 69 24.84 2.73 -10.51
C ARG A 69 26.25 2.75 -9.91
N ARG A 70 26.34 2.95 -8.59
CA ARG A 70 27.62 3.00 -7.90
C ARG A 70 27.54 2.19 -6.61
N TYR A 71 28.47 1.24 -6.41
CA TYR A 71 28.53 0.42 -5.20
C TYR A 71 28.86 1.30 -4.00
N VAL A 72 28.14 1.12 -2.89
CA VAL A 72 28.30 1.93 -1.68
C VAL A 72 28.26 1.10 -0.40
N ASP A 73 28.85 1.68 0.66
CA ASP A 73 28.89 1.19 2.03
C ASP A 73 28.10 2.19 2.88
N PHE A 74 27.40 1.69 3.91
CA PHE A 74 26.67 2.58 4.81
C PHE A 74 27.71 3.23 5.73
N SER A 75 27.77 4.56 5.74
CA SER A 75 28.74 5.27 6.55
C SER A 75 28.19 5.55 7.97
N TYR A 76 27.08 6.27 8.09
CA TYR A 76 26.49 6.57 9.39
C TYR A 76 25.11 7.22 9.28
N VAL A 77 24.35 7.20 10.39
CA VAL A 77 23.05 7.83 10.50
C VAL A 77 23.15 9.08 11.41
N ASP A 78 22.43 10.14 11.05
CA ASP A 78 22.46 11.37 11.80
C ASP A 78 21.05 11.90 11.80
N GLY A 79 20.23 11.36 12.70
CA GLY A 79 18.83 11.73 12.78
C GLY A 79 18.07 11.25 11.56
N ASN A 80 17.54 12.20 10.79
CA ASN A 80 16.79 11.92 9.57
C ASN A 80 17.71 11.60 8.36
N GLU A 81 19.00 11.98 8.43
CA GLU A 81 19.92 11.75 7.32
C GLU A 81 20.70 10.44 7.40
N TYR A 82 20.83 9.79 6.26
CA TYR A 82 21.52 8.51 6.13
C TYR A 82 22.62 8.68 5.11
N VAL A 83 23.87 8.68 5.61
CA VAL A 83 25.04 8.87 4.79
C VAL A 83 25.66 7.56 4.33
N PHE A 84 25.83 7.43 3.03
CA PHE A 84 26.47 6.31 2.39
C PHE A 84 27.76 6.85 1.74
N MET A 85 28.67 5.95 1.35
CA MET A 85 29.93 6.38 0.75
C MET A 85 30.26 5.47 -0.41
N ASP A 86 30.70 6.05 -1.54
CA ASP A 86 31.11 5.28 -2.70
C ASP A 86 32.37 4.47 -2.33
N LYS A 87 32.35 3.14 -2.54
CA LYS A 87 33.48 2.30 -2.18
C LYS A 87 34.74 2.64 -3.00
N GLU A 88 34.58 3.26 -4.18
CA GLU A 88 35.72 3.61 -5.02
C GLU A 88 36.29 5.01 -4.75
N ASP A 89 35.57 6.09 -5.09
CA ASP A 89 36.10 7.44 -4.93
C ASP A 89 35.73 8.15 -3.60
N TYR A 90 35.14 7.43 -2.64
CA TYR A 90 34.77 7.93 -1.31
C TYR A 90 33.80 9.12 -1.33
N THR A 91 33.01 9.25 -2.40
CA THR A 91 32.02 10.31 -2.50
C THR A 91 30.84 10.02 -1.58
N PRO A 92 30.44 10.98 -0.75
CA PRO A 92 29.27 10.74 0.11
C PRO A 92 27.92 10.86 -0.61
N TYR A 93 26.95 10.06 -0.22
CA TYR A 93 25.61 10.11 -0.78
C TYR A 93 24.66 10.21 0.40
N THR A 94 24.00 11.35 0.56
CA THR A 94 23.09 11.53 1.69
C THR A 94 21.64 11.42 1.28
N PHE A 95 20.92 10.49 1.91
CA PHE A 95 19.48 10.29 1.71
C PHE A 95 18.73 10.73 2.97
N THR A 96 17.47 11.13 2.82
CA THR A 96 16.59 11.37 3.96
C THR A 96 15.87 10.04 4.24
N LYS A 97 15.34 9.89 5.44
CA LYS A 97 14.62 8.68 5.85
C LYS A 97 13.44 8.39 4.89
N ASP A 98 12.78 9.44 4.37
CA ASP A 98 11.66 9.36 3.43
C ASP A 98 12.02 8.64 2.13
N GLN A 99 13.18 8.98 1.56
CA GLN A 99 13.68 8.46 0.29
C GLN A 99 14.10 6.99 0.32
N ILE A 100 14.48 6.48 1.50
CA ILE A 100 14.93 5.10 1.63
C ILE A 100 14.16 4.29 2.68
N GLU A 101 13.00 4.78 3.10
CA GLU A 101 12.12 4.19 4.10
C GLU A 101 11.89 2.67 3.92
N GLU A 102 11.54 2.24 2.69
CA GLU A 102 11.30 0.84 2.41
C GLU A 102 12.58 0.00 2.43
N GLU A 103 13.71 0.59 2.05
CA GLU A 103 14.99 -0.11 2.10
C GLU A 103 15.44 -0.27 3.58
N LEU A 104 15.07 0.68 4.46
CA LEU A 104 15.44 0.66 5.87
C LEU A 104 14.81 -0.50 6.65
N LEU A 105 13.71 -1.07 6.16
CA LEU A 105 13.10 -2.25 6.77
C LEU A 105 13.98 -3.50 6.57
N PHE A 106 14.94 -3.47 5.65
CA PHE A 106 15.79 -4.61 5.34
C PHE A 106 17.25 -4.38 5.69
N MET A 107 17.71 -3.12 5.69
CA MET A 107 19.11 -2.83 5.96
C MET A 107 19.43 -2.84 7.42
N PRO A 108 20.33 -3.76 7.83
CA PRO A 108 20.76 -3.76 9.23
C PRO A 108 21.61 -2.52 9.55
N GLU A 109 21.80 -2.25 10.85
CA GLU A 109 22.54 -1.07 11.29
C GLU A 109 24.00 -1.04 10.84
N GLY A 110 24.56 -2.17 10.43
CA GLY A 110 25.92 -2.21 9.91
C GLY A 110 26.01 -2.23 8.39
N GLY A 111 24.89 -1.98 7.71
CA GLY A 111 24.85 -2.04 6.26
C GLY A 111 25.01 -3.47 5.76
N MET A 112 25.23 -3.64 4.45
CA MET A 112 25.36 -4.97 3.87
C MET A 112 26.11 -4.97 2.52
N PRO A 113 26.66 -6.11 2.06
CA PRO A 113 27.35 -6.11 0.76
C PRO A 113 26.41 -6.00 -0.43
N ASP A 114 26.97 -5.64 -1.59
CA ASP A 114 26.26 -5.46 -2.85
C ASP A 114 25.17 -4.37 -2.79
N MET A 115 25.42 -3.28 -2.07
CA MET A 115 24.47 -2.16 -2.04
C MET A 115 24.91 -1.13 -3.10
N GLN A 116 23.97 -0.61 -3.91
CA GLN A 116 24.26 0.38 -4.94
C GLN A 116 23.39 1.64 -4.80
N VAL A 117 23.79 2.74 -5.43
CA VAL A 117 22.98 3.95 -5.48
C VAL A 117 22.67 4.27 -6.94
N LEU A 118 21.49 4.79 -7.20
CA LEU A 118 21.09 5.18 -8.54
C LEU A 118 21.35 6.67 -8.68
N THR A 119 22.01 7.08 -9.75
CA THR A 119 22.28 8.49 -10.02
C THR A 119 21.92 8.82 -11.46
N TRP A 120 21.74 10.10 -11.77
CA TRP A 120 21.47 10.57 -13.10
C TRP A 120 22.20 11.89 -13.22
N ASP A 121 23.37 11.91 -13.91
CA ASP A 121 24.17 13.13 -14.10
C ASP A 121 24.45 13.88 -12.79
N GLY A 122 24.98 13.17 -11.80
CA GLY A 122 25.31 13.77 -10.51
C GLY A 122 24.17 13.87 -9.51
N GLN A 123 22.91 13.66 -9.96
CA GLN A 123 21.76 13.74 -9.06
C GLN A 123 21.52 12.37 -8.40
N LEU A 124 21.47 12.32 -7.05
CA LEU A 124 21.23 11.08 -6.31
C LEU A 124 19.73 10.75 -6.37
N LEU A 125 19.38 9.53 -6.79
CA LEU A 125 17.98 9.14 -6.93
C LEU A 125 17.46 8.15 -5.89
N ALA A 126 18.09 6.98 -5.76
CA ALA A 126 17.57 5.91 -4.92
C ALA A 126 18.68 4.96 -4.41
N LEU A 127 18.39 4.11 -3.41
CA LEU A 127 19.28 3.11 -2.87
C LEU A 127 18.77 1.74 -3.35
N GLU A 128 19.63 0.95 -4.02
CA GLU A 128 19.28 -0.38 -4.52
C GLU A 128 19.96 -1.47 -3.70
N LEU A 129 19.16 -2.32 -3.03
CA LEU A 129 19.70 -3.38 -2.17
C LEU A 129 19.85 -4.71 -2.93
N PRO A 130 20.67 -5.65 -2.43
CA PRO A 130 20.76 -6.97 -3.09
C PRO A 130 19.47 -7.81 -2.95
N GLN A 131 19.49 -9.03 -3.46
CA GLN A 131 18.33 -9.92 -3.44
C GLN A 131 17.92 -10.37 -2.03
N THR A 132 18.89 -10.83 -1.23
CA THR A 132 18.60 -11.34 0.11
C THR A 132 19.33 -10.57 1.22
N VAL A 133 18.84 -10.70 2.46
CA VAL A 133 19.50 -10.11 3.62
C VAL A 133 19.41 -11.07 4.83
N ASP A 134 20.43 -11.10 5.70
CA ASP A 134 20.40 -11.90 6.91
C ASP A 134 20.09 -10.95 8.08
N LEU A 135 18.94 -11.15 8.76
CA LEU A 135 18.52 -10.32 9.89
C LEU A 135 18.17 -11.14 11.11
N GLU A 136 18.46 -10.62 12.30
CA GLU A 136 18.14 -11.31 13.56
C GLU A 136 16.69 -11.05 14.02
N ILE A 137 16.02 -12.10 14.49
CA ILE A 137 14.66 -12.02 15.04
C ILE A 137 14.76 -11.42 16.45
N VAL A 138 14.08 -10.30 16.74
CA VAL A 138 14.12 -9.76 18.09
C VAL A 138 12.90 -10.24 18.88
N GLU A 139 11.73 -10.29 18.25
CA GLU A 139 10.51 -10.71 18.93
C GLU A 139 9.75 -11.77 18.18
N THR A 140 9.48 -12.89 18.84
CA THR A 140 8.68 -14.00 18.34
C THR A 140 8.25 -14.88 19.49
N ALA A 141 7.16 -15.62 19.30
CA ALA A 141 6.67 -16.55 20.30
C ALA A 141 7.72 -17.65 20.55
N PRO A 142 7.82 -18.21 21.78
CA PRO A 142 8.83 -19.25 22.02
C PRO A 142 8.82 -20.39 20.99
N GLY A 143 10.00 -20.72 20.47
CA GLY A 143 10.14 -21.77 19.48
C GLY A 143 9.70 -23.11 20.01
N ILE A 144 8.61 -23.65 19.45
CA ILE A 144 8.08 -24.93 19.91
C ILE A 144 7.96 -25.99 18.80
N SER A 150 4.73 -29.35 10.26
CA SER A 150 3.49 -28.63 10.53
C SER A 150 2.98 -27.90 9.29
N ALA A 151 3.91 -27.22 8.57
CA ALA A 151 3.71 -26.36 7.40
C ALA A 151 2.96 -25.07 7.76
N ARG A 152 3.11 -24.59 9.01
CA ARG A 152 2.45 -23.37 9.43
C ARG A 152 3.46 -22.33 9.92
N ASN A 153 3.21 -21.05 9.60
CA ASN A 153 4.10 -19.98 10.00
C ASN A 153 3.49 -19.09 11.09
N LYS A 154 4.34 -18.32 11.79
CA LYS A 154 3.99 -17.39 12.86
C LYS A 154 4.73 -16.05 12.64
N PRO A 155 4.24 -14.93 13.22
CA PRO A 155 4.93 -13.65 13.00
C PRO A 155 6.22 -13.48 13.78
N ALA A 156 7.15 -12.72 13.23
CA ALA A 156 8.42 -12.44 13.88
C ALA A 156 8.85 -11.01 13.56
N THR A 157 9.25 -10.26 14.57
CA THR A 157 9.72 -8.89 14.39
C THR A 157 11.24 -8.95 14.30
N LEU A 158 11.79 -8.43 13.23
CA LEU A 158 13.23 -8.44 13.00
C LEU A 158 13.90 -7.20 13.62
N SER A 159 15.24 -7.16 13.64
CA SER A 159 16.00 -6.05 14.21
C SER A 159 15.62 -4.68 13.61
N THR A 160 15.23 -4.64 12.33
CA THR A 160 14.83 -3.40 11.67
C THR A 160 13.36 -2.97 11.93
N GLY A 161 12.60 -3.77 12.68
CA GLY A 161 11.20 -3.50 12.94
C GLY A 161 10.23 -4.21 11.99
N LEU A 162 10.75 -4.81 10.92
CA LEU A 162 9.98 -5.55 9.92
C LEU A 162 9.30 -6.79 10.52
N VAL A 163 8.01 -7.01 10.23
CA VAL A 163 7.29 -8.18 10.73
C VAL A 163 7.10 -9.17 9.59
N ILE A 164 7.58 -10.41 9.75
CA ILE A 164 7.53 -11.43 8.69
C ILE A 164 7.03 -12.80 9.21
N GLN A 165 6.55 -13.68 8.31
CA GLN A 165 6.06 -15.00 8.68
C GLN A 165 7.18 -16.05 8.63
N VAL A 166 7.43 -16.71 9.77
CA VAL A 166 8.50 -17.69 9.90
C VAL A 166 7.99 -19.02 10.52
N PRO A 167 8.65 -20.16 10.24
CA PRO A 167 8.23 -21.43 10.85
C PRO A 167 8.19 -21.38 12.40
N GLU A 168 7.25 -22.15 12.98
CA GLU A 168 6.99 -22.27 14.43
C GLU A 168 8.22 -22.43 15.32
N TYR A 169 9.13 -23.33 14.96
CA TYR A 169 10.30 -23.67 15.76
C TYR A 169 11.30 -22.53 15.96
N LEU A 170 11.24 -21.47 15.15
CA LEU A 170 12.19 -20.36 15.29
C LEU A 170 12.07 -19.67 16.66
N SER A 171 13.21 -19.25 17.21
CA SER A 171 13.27 -18.60 18.50
C SER A 171 13.88 -17.19 18.39
N PRO A 172 13.63 -16.29 19.37
CA PRO A 172 14.26 -14.97 19.34
C PRO A 172 15.79 -15.09 19.39
N GLY A 173 16.47 -14.19 18.68
CA GLY A 173 17.92 -14.18 18.61
C GLY A 173 18.49 -14.92 17.41
N GLU A 174 17.66 -15.68 16.70
CA GLU A 174 18.15 -16.43 15.54
C GLU A 174 18.25 -15.53 14.33
N LYS A 175 19.31 -15.70 13.54
CA LYS A 175 19.50 -14.91 12.33
C LYS A 175 18.84 -15.66 11.17
N ILE A 176 18.04 -14.97 10.34
CA ILE A 176 17.31 -15.58 9.23
C ILE A 176 17.59 -14.88 7.89
N ARG A 177 17.45 -15.63 6.79
CA ARG A 177 17.64 -15.14 5.43
C ARG A 177 16.30 -14.73 4.87
N ILE A 178 16.22 -13.52 4.33
CA ILE A 178 14.98 -12.96 3.81
C ILE A 178 15.15 -12.57 2.35
N HIS A 179 14.19 -12.92 1.49
CA HIS A 179 14.18 -12.45 0.11
C HIS A 179 13.55 -11.06 0.23
N ILE A 180 14.31 -10.00 -0.03
CA ILE A 180 13.84 -8.62 0.16
C ILE A 180 12.60 -8.26 -0.65
N GLU A 181 12.66 -8.47 -1.97
CA GLU A 181 11.59 -8.16 -2.91
C GLU A 181 10.28 -8.83 -2.55
N GLU A 182 10.33 -10.13 -2.22
CA GLU A 182 9.12 -10.88 -1.91
C GLU A 182 8.76 -10.94 -0.44
N ARG A 183 9.59 -10.38 0.46
CA ARG A 183 9.38 -10.36 1.90
C ARG A 183 9.14 -11.76 2.46
N ARG A 184 9.94 -12.74 2.00
CA ARG A 184 9.75 -14.12 2.43
C ARG A 184 10.97 -14.75 3.09
N TYR A 185 10.69 -15.55 4.12
CA TYR A 185 11.67 -16.32 4.85
C TYR A 185 12.25 -17.37 3.87
N MET A 186 13.57 -17.51 3.87
CA MET A 186 14.26 -18.47 3.00
C MET A 186 15.01 -19.56 3.78
N GLY A 187 15.21 -19.37 5.08
CA GLY A 187 15.95 -20.31 5.91
C GLY A 187 16.82 -19.59 6.93
N ARG A 188 17.47 -20.33 7.82
CA ARG A 188 18.37 -19.74 8.81
C ARG A 188 19.65 -19.17 8.12
N SER B 1 -10.67 27.87 2.47
CA SER B 1 -10.73 28.20 3.89
C SER B 1 -10.21 27.09 4.83
N PRO B 2 -10.49 25.77 4.62
CA PRO B 2 -9.93 24.76 5.55
C PRO B 2 -8.42 24.57 5.44
N ARG B 3 -7.79 24.24 6.55
CA ARG B 3 -6.35 23.99 6.60
C ARG B 3 -6.11 22.48 6.55
N ALA B 4 -4.88 22.06 6.20
CA ALA B 4 -4.50 20.66 6.11
C ALA B 4 -4.66 19.91 7.43
N ASN B 5 -4.35 20.57 8.57
CA ASN B 5 -4.46 19.92 9.88
C ASN B 5 -5.90 19.59 10.29
N GLU B 6 -6.91 20.13 9.56
CA GLU B 6 -8.34 19.91 9.81
C GLU B 6 -8.97 18.87 8.90
N ILE B 7 -8.22 18.32 7.96
CA ILE B 7 -8.73 17.31 7.05
C ILE B 7 -8.77 15.98 7.78
N LYS B 8 -9.82 15.20 7.50
CA LYS B 8 -10.06 13.90 8.10
C LYS B 8 -10.35 12.89 7.01
N LYS B 9 -10.18 11.60 7.34
CA LYS B 9 -10.49 10.46 6.48
C LYS B 9 -11.97 10.55 6.09
N GLY B 10 -12.28 10.38 4.80
CA GLY B 10 -13.67 10.48 4.36
C GLY B 10 -13.99 11.77 3.61
N MET B 11 -13.19 12.84 3.83
CA MET B 11 -13.41 14.08 3.08
C MET B 11 -12.89 13.93 1.63
N VAL B 12 -13.30 14.83 0.74
CA VAL B 12 -12.86 14.80 -0.65
C VAL B 12 -12.27 16.16 -0.97
N LEU B 13 -11.01 16.20 -1.42
CA LEU B 13 -10.33 17.44 -1.76
C LEU B 13 -10.34 17.70 -3.26
N ASN B 14 -10.36 18.97 -3.63
CA ASN B 14 -10.22 19.40 -5.01
C ASN B 14 -8.80 19.89 -5.02
N TYR B 15 -7.87 19.06 -5.49
CA TYR B 15 -6.46 19.37 -5.41
C TYR B 15 -5.78 19.06 -6.73
N ASN B 16 -5.15 20.10 -7.34
CA ASN B 16 -4.42 20.03 -8.61
C ASN B 16 -5.15 19.28 -9.72
N GLY B 17 -6.38 19.69 -9.99
CA GLY B 17 -7.19 19.10 -11.05
C GLY B 17 -7.78 17.73 -10.74
N LYS B 18 -7.68 17.27 -9.50
CA LYS B 18 -8.20 15.96 -9.12
C LYS B 18 -9.13 16.04 -7.92
N LEU B 19 -10.09 15.15 -7.88
CA LEU B 19 -10.96 14.99 -6.74
C LEU B 19 -10.41 13.77 -6.04
N LEU B 20 -9.90 14.00 -4.84
CA LEU B 20 -9.23 12.98 -4.07
C LEU B 20 -9.96 12.64 -2.78
N LEU B 21 -10.31 11.37 -2.59
CA LEU B 21 -10.93 10.93 -1.36
C LEU B 21 -9.83 10.63 -0.33
N VAL B 22 -9.89 11.26 0.85
CA VAL B 22 -8.92 11.01 1.90
C VAL B 22 -9.12 9.59 2.47
N LYS B 23 -8.11 8.70 2.35
CA LYS B 23 -8.15 7.34 2.88
C LYS B 23 -7.38 7.26 4.20
N ASP B 24 -6.28 7.99 4.35
CA ASP B 24 -5.47 7.94 5.56
C ASP B 24 -4.66 9.21 5.78
N ILE B 25 -4.43 9.58 7.04
CA ILE B 25 -3.64 10.72 7.45
C ILE B 25 -2.63 10.32 8.50
N ASP B 26 -1.35 10.56 8.21
CA ASP B 26 -0.25 10.27 9.12
C ASP B 26 0.38 11.59 9.57
N ILE B 27 0.16 11.97 10.83
CA ILE B 27 0.73 13.18 11.42
C ILE B 27 2.19 12.84 11.75
N GLN B 28 3.13 13.30 10.94
CA GLN B 28 4.53 13.00 11.15
C GLN B 28 5.20 14.08 11.97
N SER B 29 5.80 13.67 13.09
CA SER B 29 6.48 14.61 13.99
C SER B 29 7.76 15.16 13.33
N PRO B 30 8.26 16.32 13.77
CA PRO B 30 9.44 16.92 13.11
C PRO B 30 10.62 15.98 12.85
N THR B 31 11.11 15.97 11.60
CA THR B 31 12.22 15.11 11.18
C THR B 31 13.57 15.54 11.76
N ALA B 32 13.71 16.83 12.08
CA ALA B 32 14.95 17.42 12.63
C ALA B 32 14.60 18.65 13.52
N ARG B 33 15.57 19.16 14.30
CA ARG B 33 15.38 20.32 15.16
C ARG B 33 14.93 21.53 14.37
N GLY B 34 13.86 22.16 14.83
CA GLY B 34 13.31 23.33 14.15
C GLY B 34 12.35 23.05 13.02
N ALA B 35 12.23 21.77 12.59
CA ALA B 35 11.29 21.43 11.51
C ALA B 35 9.84 21.40 12.02
N ALA B 36 8.87 21.50 11.11
CA ALA B 36 7.47 21.48 11.45
C ALA B 36 6.87 20.08 11.34
N THR B 37 5.73 19.85 11.99
CA THR B 37 4.98 18.62 11.86
C THR B 37 4.37 18.61 10.45
N LEU B 38 4.41 17.48 9.77
CA LEU B 38 3.83 17.38 8.42
C LEU B 38 2.66 16.38 8.38
N TYR B 39 1.72 16.59 7.47
CA TYR B 39 0.55 15.76 7.31
C TYR B 39 0.64 14.99 6.01
N LYS B 40 1.03 13.71 6.10
CA LYS B 40 1.16 12.83 4.95
C LYS B 40 -0.17 12.13 4.70
N MET B 41 -0.83 12.50 3.62
CA MET B 41 -2.14 11.98 3.29
C MET B 41 -2.13 11.00 2.16
N ARG B 42 -2.93 9.96 2.30
CA ARG B 42 -3.09 8.95 1.27
C ARG B 42 -4.50 9.13 0.75
N PHE B 43 -4.62 9.26 -0.55
CA PHE B 43 -5.86 9.50 -1.23
C PHE B 43 -6.15 8.44 -2.28
N SER B 44 -7.39 8.47 -2.76
CA SER B 44 -7.81 7.67 -3.88
C SER B 44 -8.43 8.67 -4.86
N ASP B 45 -7.97 8.67 -6.12
CA ASP B 45 -8.55 9.54 -7.13
C ASP B 45 -9.91 8.96 -7.45
N VAL B 46 -10.98 9.71 -7.16
CA VAL B 46 -12.34 9.22 -7.34
C VAL B 46 -12.66 8.84 -8.80
N ARG B 47 -12.02 9.46 -9.80
CA ARG B 47 -12.30 9.12 -11.19
C ARG B 47 -11.63 7.84 -11.70
N THR B 48 -10.37 7.62 -11.31
CA THR B 48 -9.59 6.50 -11.81
C THR B 48 -9.39 5.34 -10.82
N GLY B 49 -9.54 5.60 -9.52
CA GLY B 49 -9.24 4.64 -8.47
C GLY B 49 -7.75 4.56 -8.13
N LEU B 50 -6.91 5.37 -8.78
CA LEU B 50 -5.46 5.33 -8.54
C LEU B 50 -5.14 6.00 -7.20
N LYS B 51 -4.15 5.50 -6.50
CA LYS B 51 -3.73 6.09 -5.23
C LYS B 51 -2.81 7.25 -5.47
N VAL B 52 -2.96 8.28 -4.63
CA VAL B 52 -2.18 9.50 -4.65
C VAL B 52 -1.71 9.76 -3.21
N GLU B 53 -0.47 10.23 -3.04
CA GLU B 53 0.04 10.59 -1.72
C GLU B 53 0.54 12.03 -1.79
N GLU B 54 0.24 12.83 -0.78
CA GLU B 54 0.72 14.21 -0.71
C GLU B 54 1.06 14.53 0.74
N ARG B 55 1.97 15.46 0.96
CA ARG B 55 2.38 15.87 2.28
C ARG B 55 2.16 17.36 2.40
N PHE B 56 1.57 17.79 3.51
CA PHE B 56 1.24 19.19 3.71
C PHE B 56 1.73 19.72 5.04
N LYS B 57 2.00 21.03 5.10
CA LYS B 57 2.25 21.71 6.36
C LYS B 57 0.86 21.91 7.00
N GLY B 58 0.81 22.01 8.32
CA GLY B 58 -0.46 22.15 9.04
C GLY B 58 -1.40 23.23 8.56
N ASP B 59 -0.85 24.40 8.29
CA ASP B 59 -1.63 25.56 7.87
C ASP B 59 -1.76 25.75 6.38
N ASP B 60 -1.43 24.74 5.57
CA ASP B 60 -1.62 24.83 4.13
C ASP B 60 -3.13 24.84 3.84
N ILE B 61 -3.57 25.73 2.98
CA ILE B 61 -4.97 25.85 2.63
C ILE B 61 -5.35 24.81 1.58
N VAL B 62 -6.46 24.11 1.83
CA VAL B 62 -6.98 23.10 0.92
C VAL B 62 -8.44 23.41 0.60
N ASP B 63 -8.96 22.82 -0.47
CA ASP B 63 -10.33 23.02 -0.87
C ASP B 63 -11.05 21.69 -0.76
N THR B 64 -11.98 21.56 0.20
CA THR B 64 -12.79 20.37 0.34
C THR B 64 -14.12 20.60 -0.40
N VAL B 65 -14.65 19.59 -1.08
CA VAL B 65 -15.92 19.73 -1.77
C VAL B 65 -17.07 19.41 -0.81
N THR B 66 -18.28 19.96 -1.05
CA THR B 66 -19.42 19.69 -0.18
C THR B 66 -19.95 18.31 -0.54
N LEU B 67 -20.06 17.42 0.45
CA LEU B 67 -20.51 16.07 0.18
C LEU B 67 -21.98 15.84 0.49
N THR B 68 -22.61 14.97 -0.30
CA THR B 68 -23.99 14.57 -0.13
C THR B 68 -23.99 13.05 -0.12
N ARG B 69 -24.53 12.45 0.95
CA ARG B 69 -24.57 10.99 1.04
C ARG B 69 -25.97 10.46 0.79
N ARG B 70 -26.08 9.31 0.12
CA ARG B 70 -27.36 8.70 -0.21
C ARG B 70 -27.28 7.20 0.07
N TYR B 71 -28.23 6.65 0.86
CA TYR B 71 -28.29 5.23 1.17
C TYR B 71 -28.60 4.45 -0.10
N VAL B 72 -27.92 3.33 -0.32
CA VAL B 72 -28.10 2.52 -1.52
C VAL B 72 -28.15 1.01 -1.21
N ASP B 73 -28.65 0.24 -2.17
CA ASP B 73 -28.62 -1.22 -2.17
C ASP B 73 -27.82 -1.63 -3.42
N PHE B 74 -27.13 -2.77 -3.35
CA PHE B 74 -26.40 -3.28 -4.50
C PHE B 74 -27.42 -3.87 -5.46
N SER B 75 -27.46 -3.40 -6.70
CA SER B 75 -28.43 -3.89 -7.68
C SER B 75 -27.88 -5.10 -8.45
N TYR B 76 -26.75 -4.96 -9.15
CA TYR B 76 -26.17 -6.07 -9.90
C TYR B 76 -24.75 -5.74 -10.45
N VAL B 77 -23.99 -6.79 -10.81
CA VAL B 77 -22.68 -6.67 -11.41
C VAL B 77 -22.77 -7.05 -12.91
N ASP B 78 -22.05 -6.32 -13.76
CA ASP B 78 -22.05 -6.56 -15.18
C ASP B 78 -20.64 -6.37 -15.67
N GLY B 79 -19.83 -7.40 -15.49
CA GLY B 79 -18.42 -7.37 -15.85
C GLY B 79 -17.67 -6.41 -14.95
N ASN B 80 -17.14 -5.34 -15.54
CA ASN B 80 -16.40 -4.31 -14.81
C ASN B 80 -17.32 -3.32 -14.07
N GLU B 81 -18.59 -3.23 -14.46
CA GLU B 81 -19.51 -2.28 -13.85
C GLU B 81 -20.31 -2.84 -12.67
N TYR B 82 -20.45 -2.02 -11.63
CA TYR B 82 -21.15 -2.36 -10.42
C TYR B 82 -22.24 -1.33 -10.22
N VAL B 83 -23.49 -1.79 -10.42
CA VAL B 83 -24.66 -0.95 -10.32
C VAL B 83 -25.30 -1.00 -8.94
N PHE B 84 -25.46 0.16 -8.34
CA PHE B 84 -26.13 0.35 -7.06
C PHE B 84 -27.40 1.17 -7.35
N MET B 85 -28.32 1.20 -6.40
CA MET B 85 -29.57 1.93 -6.59
C MET B 85 -29.93 2.67 -5.32
N ASP B 86 -30.35 3.92 -5.44
CA ASP B 86 -30.78 4.73 -4.31
C ASP B 86 -32.03 4.09 -3.71
N LYS B 87 -32.03 3.82 -2.41
CA LYS B 87 -33.16 3.20 -1.74
C LYS B 87 -34.42 4.06 -1.74
N GLU B 88 -34.28 5.38 -1.93
CA GLU B 88 -35.42 6.28 -1.96
C GLU B 88 -35.96 6.53 -3.38
N ASP B 89 -35.22 7.26 -4.24
CA ASP B 89 -35.74 7.61 -5.56
C ASP B 89 -35.36 6.64 -6.71
N TYR B 90 -34.76 5.48 -6.38
CA TYR B 90 -34.38 4.43 -7.35
C TYR B 90 -33.39 4.90 -8.43
N THR B 91 -32.60 5.93 -8.14
CA THR B 91 -31.60 6.42 -9.07
C THR B 91 -30.42 5.45 -9.11
N PRO B 92 -29.98 5.03 -10.31
CA PRO B 92 -28.83 4.14 -10.40
C PRO B 92 -27.48 4.86 -10.21
N TYR B 93 -26.53 4.17 -9.60
CA TYR B 93 -25.19 4.70 -9.41
C TYR B 93 -24.25 3.63 -9.92
N THR B 94 -23.56 3.90 -11.03
CA THR B 94 -22.65 2.90 -11.60
C THR B 94 -21.20 3.22 -11.32
N PHE B 95 -20.51 2.29 -10.68
CA PHE B 95 -19.08 2.38 -10.41
C PHE B 95 -18.32 1.37 -11.27
N THR B 96 -17.06 1.65 -11.57
CA THR B 96 -16.19 0.67 -12.21
C THR B 96 -15.48 -0.08 -11.08
N LYS B 97 -14.97 -1.28 -11.37
CA LYS B 97 -14.25 -2.10 -10.40
C LYS B 97 -13.08 -1.32 -9.77
N ASP B 98 -12.41 -0.46 -10.57
CA ASP B 98 -11.28 0.38 -10.14
C ASP B 98 -11.65 1.32 -9.00
N GLN B 99 -12.80 1.99 -9.11
CA GLN B 99 -13.30 2.99 -8.16
C GLN B 99 -13.73 2.42 -6.81
N ILE B 100 -14.14 1.15 -6.77
CA ILE B 100 -14.59 0.53 -5.53
C ILE B 100 -13.83 -0.74 -5.16
N GLU B 101 -12.65 -0.95 -5.74
CA GLU B 101 -11.80 -2.12 -5.55
C GLU B 101 -11.59 -2.50 -4.07
N GLU B 102 -11.25 -1.53 -3.20
CA GLU B 102 -11.03 -1.80 -1.80
C GLU B 102 -12.33 -2.11 -1.05
N GLU B 103 -13.44 -1.53 -1.48
CA GLU B 103 -14.75 -1.83 -0.87
C GLU B 103 -15.21 -3.25 -1.28
N LEU B 104 -14.83 -3.71 -2.48
CA LEU B 104 -15.18 -5.03 -2.98
C LEU B 104 -14.59 -6.18 -2.19
N LEU B 105 -13.49 -5.93 -1.47
CA LEU B 105 -12.91 -6.95 -0.59
C LEU B 105 -13.81 -7.24 0.63
N PHE B 106 -14.77 -6.35 0.93
CA PHE B 106 -15.63 -6.50 2.09
C PHE B 106 -17.09 -6.71 1.73
N MET B 107 -17.53 -6.24 0.56
CA MET B 107 -18.93 -6.37 0.17
C MET B 107 -19.25 -7.73 -0.38
N PRO B 108 -20.10 -8.50 0.31
CA PRO B 108 -20.50 -9.81 -0.24
C PRO B 108 -21.38 -9.63 -1.47
N GLU B 109 -21.51 -10.69 -2.29
CA GLU B 109 -22.36 -10.62 -3.47
C GLU B 109 -23.82 -10.41 -3.04
N GLY B 110 -24.46 -9.38 -3.56
CA GLY B 110 -25.81 -9.03 -3.13
C GLY B 110 -25.88 -7.85 -2.16
N GLY B 111 -24.73 -7.38 -1.67
CA GLY B 111 -24.69 -6.21 -0.80
C GLY B 111 -24.83 -6.41 0.69
N MET B 112 -25.06 -5.30 1.43
CA MET B 112 -25.19 -5.26 2.88
C MET B 112 -25.93 -3.98 3.37
N PRO B 113 -26.49 -3.97 4.60
CA PRO B 113 -27.18 -2.76 5.07
C PRO B 113 -26.24 -1.61 5.40
N ASP B 114 -26.80 -0.40 5.50
CA ASP B 114 -26.09 0.83 5.81
C ASP B 114 -24.98 1.19 4.81
N MET B 115 -25.24 0.96 3.51
CA MET B 115 -24.27 1.36 2.47
C MET B 115 -24.70 2.72 1.91
N GLN B 116 -23.76 3.64 1.74
CA GLN B 116 -24.04 4.96 1.19
C GLN B 116 -23.14 5.30 -0.01
N VAL B 117 -23.53 6.29 -0.81
CA VAL B 117 -22.69 6.77 -1.90
C VAL B 117 -22.39 8.24 -1.67
N LEU B 118 -21.19 8.67 -2.05
CA LEU B 118 -20.79 10.05 -1.91
C LEU B 118 -21.01 10.73 -3.26
N THR B 119 -21.65 11.88 -3.26
CA THR B 119 -21.88 12.65 -4.48
C THR B 119 -21.51 14.11 -4.24
N TRP B 120 -21.29 14.86 -5.32
CA TRP B 120 -21.00 16.28 -5.24
C TRP B 120 -21.68 16.89 -6.45
N ASP B 121 -22.83 17.56 -6.25
CA ASP B 121 -23.59 18.21 -7.33
C ASP B 121 -23.83 17.27 -8.54
N GLY B 122 -24.41 16.10 -8.27
CA GLY B 122 -24.71 15.15 -9.31
C GLY B 122 -23.57 14.24 -9.74
N GLN B 123 -22.33 14.54 -9.34
CA GLN B 123 -21.19 13.69 -9.70
C GLN B 123 -21.01 12.58 -8.68
N LEU B 124 -20.97 11.30 -9.12
CA LEU B 124 -20.77 10.16 -8.23
C LEU B 124 -19.27 10.07 -7.85
N LEU B 125 -18.96 10.00 -6.57
CA LEU B 125 -17.58 9.98 -6.11
C LEU B 125 -17.08 8.64 -5.55
N ALA B 126 -17.74 8.09 -4.52
CA ALA B 126 -17.25 6.90 -3.84
C ALA B 126 -18.38 6.10 -3.17
N LEU B 127 -18.10 4.86 -2.74
CA LEU B 127 -19.01 3.99 -2.02
C LEU B 127 -18.54 3.92 -0.57
N GLU B 128 -19.40 4.25 0.39
CA GLU B 128 -19.09 4.23 1.82
C GLU B 128 -19.77 3.06 2.52
N LEU B 129 -18.99 2.13 3.07
CA LEU B 129 -19.52 0.95 3.74
C LEU B 129 -19.68 1.16 5.27
N PRO B 130 -20.51 0.34 5.94
CA PRO B 130 -20.62 0.45 7.41
C PRO B 130 -19.34 0.00 8.14
N GLN B 131 -19.35 0.02 9.48
CA GLN B 131 -18.20 -0.36 10.29
C GLN B 131 -17.81 -1.85 10.18
N THR B 132 -18.78 -2.74 10.29
CA THR B 132 -18.51 -4.18 10.26
C THR B 132 -19.23 -4.89 9.12
N VAL B 133 -18.76 -6.10 8.76
CA VAL B 133 -19.42 -6.93 7.77
C VAL B 133 -19.36 -8.43 8.21
N ASP B 134 -20.38 -9.21 7.89
CA ASP B 134 -20.39 -10.63 8.18
C ASP B 134 -20.09 -11.37 6.86
N LEU B 135 -18.95 -12.09 6.79
CA LEU B 135 -18.54 -12.82 5.58
C LEU B 135 -18.23 -14.27 5.89
N GLU B 136 -18.51 -15.16 4.94
CA GLU B 136 -18.22 -16.59 5.08
C GLU B 136 -16.77 -16.94 4.69
N ILE B 137 -16.12 -17.80 5.49
CA ILE B 137 -14.76 -18.29 5.23
C ILE B 137 -14.86 -19.36 4.13
N VAL B 138 -14.16 -19.21 3.00
CA VAL B 138 -14.19 -20.26 1.98
C VAL B 138 -12.99 -21.19 2.13
N GLU B 139 -11.81 -20.64 2.45
CA GLU B 139 -10.60 -21.45 2.58
C GLU B 139 -9.86 -21.19 3.86
N THR B 140 -9.63 -22.24 4.64
CA THR B 140 -8.85 -22.21 5.86
C THR B 140 -8.45 -23.63 6.24
N ALA B 141 -7.38 -23.76 7.01
CA ALA B 141 -6.92 -25.04 7.53
C ALA B 141 -8.00 -25.63 8.45
N PRO B 142 -8.11 -26.97 8.55
CA PRO B 142 -9.14 -27.55 9.44
C PRO B 142 -9.12 -27.01 10.87
N GLY B 143 -10.30 -26.72 11.39
CA GLY B 143 -10.46 -26.19 12.74
C GLY B 143 -10.00 -27.18 13.79
N ILE B 144 -9.22 -26.70 14.74
CA ILE B 144 -8.70 -27.51 15.83
C ILE B 144 -9.34 -27.07 17.13
N LYS B 145 -10.11 -27.96 17.75
CA LYS B 145 -10.78 -27.69 19.02
C LYS B 145 -9.79 -27.68 20.23
N GLY B 146 -10.27 -27.35 21.41
CA GLY B 146 -9.44 -27.34 22.60
C GLY B 146 -9.36 -26.04 23.36
N ALA B 147 -8.56 -26.03 24.44
CA ALA B 147 -8.35 -24.86 25.28
C ALA B 147 -7.64 -23.75 24.51
N SER B 148 -7.87 -22.49 24.91
CA SER B 148 -7.21 -21.37 24.23
C SER B 148 -5.82 -21.10 24.84
N ALA B 149 -5.01 -22.16 24.99
CA ALA B 149 -3.63 -22.04 25.48
C ALA B 149 -2.73 -21.45 24.37
N SER B 150 -3.02 -21.78 23.10
CA SER B 150 -2.30 -21.23 21.96
C SER B 150 -3.12 -20.07 21.38
N ALA B 151 -2.84 -18.84 21.83
CA ALA B 151 -3.55 -17.66 21.34
C ALA B 151 -2.95 -17.18 20.00
N ARG B 152 -2.88 -18.10 19.03
CA ARG B 152 -2.34 -17.85 17.71
C ARG B 152 -3.43 -17.86 16.64
N ASN B 153 -3.38 -16.90 15.72
CA ASN B 153 -4.34 -16.81 14.63
C ASN B 153 -3.76 -17.40 13.34
N LYS B 154 -4.62 -17.96 12.50
CA LYS B 154 -4.26 -18.58 11.22
C LYS B 154 -4.95 -17.84 10.05
N PRO B 155 -4.42 -17.95 8.82
CA PRO B 155 -5.04 -17.23 7.70
C PRO B 155 -6.32 -17.87 7.18
N ALA B 156 -7.24 -17.03 6.69
CA ALA B 156 -8.50 -17.50 6.16
C ALA B 156 -8.89 -16.65 4.96
N THR B 157 -9.30 -17.27 3.87
CA THR B 157 -9.75 -16.58 2.67
C THR B 157 -11.25 -16.49 2.74
N LEU B 158 -11.79 -15.30 2.66
CA LEU B 158 -13.22 -15.07 2.74
C LEU B 158 -13.88 -15.16 1.36
N SER B 159 -15.21 -15.13 1.29
CA SER B 159 -15.96 -15.23 0.03
C SER B 159 -15.57 -14.16 -1.00
N THR B 160 -15.15 -12.98 -0.54
CA THR B 160 -14.72 -11.89 -1.41
C THR B 160 -13.24 -12.00 -1.89
N GLY B 161 -12.51 -13.00 -1.41
CA GLY B 161 -11.09 -13.14 -1.75
C GLY B 161 -10.13 -12.55 -0.73
N LEU B 162 -10.66 -11.80 0.24
CA LEU B 162 -9.89 -11.16 1.29
C LEU B 162 -9.24 -12.20 2.22
N VAL B 163 -7.95 -12.04 2.57
CA VAL B 163 -7.26 -12.97 3.46
C VAL B 163 -7.08 -12.29 4.81
N ILE B 164 -7.61 -12.90 5.89
CA ILE B 164 -7.53 -12.29 7.23
C ILE B 164 -7.11 -13.33 8.30
N GLN B 165 -6.46 -12.89 9.39
CA GLN B 165 -6.07 -13.78 10.48
C GLN B 165 -7.26 -14.02 11.42
N VAL B 166 -7.56 -15.31 11.68
CA VAL B 166 -8.69 -15.73 12.51
C VAL B 166 -8.23 -16.83 13.50
N PRO B 167 -8.87 -16.99 14.68
CA PRO B 167 -8.49 -18.07 15.59
C PRO B 167 -8.49 -19.46 14.95
N GLU B 168 -7.56 -20.32 15.38
CA GLU B 168 -7.34 -21.68 14.86
C GLU B 168 -8.53 -22.63 14.82
N TYR B 169 -9.48 -22.48 15.76
CA TYR B 169 -10.63 -23.38 15.83
C TYR B 169 -11.65 -23.20 14.71
N LEU B 170 -11.59 -22.07 13.99
CA LEU B 170 -12.55 -21.82 12.92
C LEU B 170 -12.39 -22.78 11.74
N SER B 171 -13.49 -23.11 11.09
CA SER B 171 -13.55 -24.04 9.98
C SER B 171 -14.14 -23.39 8.71
N PRO B 172 -13.85 -23.94 7.53
CA PRO B 172 -14.46 -23.40 6.30
C PRO B 172 -16.00 -23.47 6.36
N GLY B 173 -16.65 -22.45 5.80
CA GLY B 173 -18.10 -22.34 5.79
C GLY B 173 -18.69 -21.52 6.92
N GLU B 174 -17.86 -21.18 7.92
CA GLU B 174 -18.35 -20.39 9.05
C GLU B 174 -18.43 -18.92 8.68
N LYS B 175 -19.49 -18.24 9.14
CA LYS B 175 -19.62 -16.82 8.87
C LYS B 175 -18.96 -16.04 10.04
N ILE B 176 -18.14 -15.03 9.72
CA ILE B 176 -17.41 -14.26 10.72
C ILE B 176 -17.65 -12.75 10.58
N ARG B 177 -17.51 -12.01 11.70
CA ARG B 177 -17.67 -10.56 11.77
C ARG B 177 -16.32 -9.90 11.60
N ILE B 178 -16.21 -8.96 10.67
CA ILE B 178 -14.96 -8.28 10.38
C ILE B 178 -15.09 -6.76 10.57
N HIS B 179 -14.13 -6.12 11.23
CA HIS B 179 -14.10 -4.67 11.33
C HIS B 179 -13.45 -4.24 10.01
N ILE B 180 -14.20 -3.58 9.13
CA ILE B 180 -13.72 -3.23 7.78
C ILE B 180 -12.47 -2.33 7.78
N GLU B 181 -12.53 -1.19 8.49
CA GLU B 181 -11.45 -0.22 8.59
C GLU B 181 -10.13 -0.84 9.07
N GLU B 182 -10.21 -1.64 10.14
CA GLU B 182 -9.01 -2.24 10.71
C GLU B 182 -8.66 -3.62 10.21
N ARG B 183 -9.49 -4.22 9.35
CA ARG B 183 -9.29 -5.54 8.76
C ARG B 183 -9.09 -6.62 9.84
N ARG B 184 -9.90 -6.57 10.92
CA ARG B 184 -9.76 -7.55 11.98
C ARG B 184 -10.98 -8.41 12.25
N TYR B 185 -10.72 -9.65 12.64
CA TYR B 185 -11.71 -10.60 13.10
C TYR B 185 -12.29 -10.08 14.43
N MET B 186 -13.61 -10.10 14.57
CA MET B 186 -14.30 -9.66 15.78
C MET B 186 -15.07 -10.78 16.50
N GLY B 187 -15.29 -11.89 15.82
CA GLY B 187 -16.05 -13.02 16.37
C GLY B 187 -16.92 -13.67 15.31
N ARG B 188 -17.58 -14.77 15.65
CA ARG B 188 -18.48 -15.45 14.73
C ARG B 188 -19.75 -14.58 14.45
#